data_5ZHL
#
_entry.id   5ZHL
#
_cell.length_a   73.690
_cell.length_b   50.230
_cell.length_c   57.940
_cell.angle_alpha   90.00
_cell.angle_beta   90.95
_cell.angle_gamma   90.00
#
_symmetry.space_group_name_H-M   'C 1 2 1'
#
loop_
_entity.id
_entity.type
_entity.pdbx_description
1 polymer 'tRNA (guanine-N(1)-)-methyltransferase'
2 non-polymer N-({4-[(octylamino)methyl]phenyl}methyl)-4-oxo-3,4-dihydrothieno[2,3-d]pyrimidine-5-carboxamide
3 water water
#
_entity_poly.entity_id   1
_entity_poly.type   'polypeptide(L)'
_entity_poly.pdbx_seq_one_letter_code
;MRIDIVTIFPACLDPLRQSLPGKAIESGLVDLNVHDLRRWTHDVHHSVDDAPYGGGPGMVMKAPVWGEALDEICSSETLL
IVPTPAGVLFTQATAQRWTTESHLVFACGRYEGIDQRVVQDAARRMRVEEVSIGDYVLPGGESAAVVMVEAVLRLLAGVL
GNPASHQDDSHSTGLDGLLEGPSYTRPASWRGLDVPEVLLSGDHARIAAWRREVSLQRTRERRPDLSHPDGSHHHHHH
;
_entity_poly.pdbx_strand_id   A
#
loop_
_chem_comp.id
_chem_comp.type
_chem_comp.name
_chem_comp.formula
9D0 non-polymer N-({4-[(octylamino)methyl]phenyl}methyl)-4-oxo-3,4-dihydrothieno[2,3-d]pyrimidine-5-carboxamide 'C23 H30 N4 O2 S'
#
# COMPACT_ATOMS: atom_id res chain seq x y z
N MET A 1 -9.47 13.69 0.11
CA MET A 1 -8.13 13.27 -0.26
C MET A 1 -7.99 13.05 -1.77
N ARG A 2 -6.92 13.58 -2.36
CA ARG A 2 -6.61 13.41 -3.77
C ARG A 2 -5.47 12.40 -3.83
N ILE A 3 -5.65 11.32 -4.60
CA ILE A 3 -4.63 10.29 -4.80
C ILE A 3 -4.28 10.19 -6.28
N ASP A 4 -2.99 10.29 -6.62
CA ASP A 4 -2.53 10.05 -8.00
C ASP A 4 -1.53 8.90 -8.01
N ILE A 5 -1.70 7.96 -8.96
CA ILE A 5 -0.82 6.81 -9.11
C ILE A 5 -0.30 6.82 -10.54
N VAL A 6 1.05 6.84 -10.69
CA VAL A 6 1.73 6.87 -11.98
C VAL A 6 2.39 5.48 -12.19
N THR A 7 2.14 4.83 -13.35
CA THR A 7 2.60 3.47 -13.62
C THR A 7 2.66 3.22 -15.14
N ILE A 8 3.40 2.18 -15.55
CA ILE A 8 3.35 1.75 -16.95
C ILE A 8 2.19 0.74 -17.14
N PHE A 9 1.56 0.27 -16.03
CA PHE A 9 0.42 -0.65 -16.05
C PHE A 9 -0.84 -0.12 -15.32
N PRO A 10 -1.55 0.85 -15.93
CA PRO A 10 -2.77 1.38 -15.28
C PRO A 10 -3.83 0.35 -14.89
N ALA A 11 -4.00 -0.74 -15.70
CA ALA A 11 -5.01 -1.78 -15.44
C ALA A 11 -4.78 -2.50 -14.11
N CYS A 12 -3.54 -2.50 -13.60
CA CYS A 12 -3.21 -3.18 -12.34
C CYS A 12 -3.79 -2.46 -11.08
N LEU A 13 -4.33 -1.23 -11.24
CA LEU A 13 -4.93 -0.48 -10.14
C LEU A 13 -6.46 -0.59 -10.13
N ASP A 14 -7.03 -1.32 -11.12
CA ASP A 14 -8.48 -1.59 -11.26
C ASP A 14 -9.16 -2.10 -9.96
N PRO A 15 -8.53 -2.95 -9.08
CA PRO A 15 -9.21 -3.30 -7.82
C PRO A 15 -9.57 -2.08 -6.95
N LEU A 16 -8.87 -0.94 -7.09
CA LEU A 16 -9.22 0.23 -6.29
C LEU A 16 -10.59 0.85 -6.67
N ARG A 17 -11.19 0.46 -7.81
CA ARG A 17 -12.53 0.94 -8.19
C ARG A 17 -13.68 0.04 -7.66
N GLN A 18 -13.33 -1.07 -6.98
CA GLN A 18 -14.31 -2.04 -6.44
C GLN A 18 -14.34 -1.99 -4.92
N SER A 19 -15.32 -2.73 -4.30
CA SER A 19 -15.48 -2.96 -2.87
C SER A 19 -15.38 -1.67 -2.00
N LEU A 20 -14.61 -1.73 -0.90
CA LEU A 20 -14.36 -0.64 0.06
C LEU A 20 -13.73 0.58 -0.64
N PRO A 21 -12.59 0.44 -1.40
CA PRO A 21 -12.03 1.63 -2.06
C PRO A 21 -13.01 2.34 -2.99
N GLY A 22 -13.71 1.56 -3.82
CA GLY A 22 -14.71 2.04 -4.78
C GLY A 22 -15.78 2.93 -4.15
N LYS A 23 -16.32 2.50 -3.00
CA LYS A 23 -17.34 3.20 -2.21
C LYS A 23 -16.83 4.60 -1.78
N ALA A 24 -15.63 4.63 -1.15
CA ALA A 24 -14.94 5.83 -0.67
C ALA A 24 -14.69 6.83 -1.81
N ILE A 25 -14.28 6.32 -2.99
CA ILE A 25 -14.02 7.15 -4.18
C ILE A 25 -15.33 7.75 -4.73
N GLU A 26 -16.37 6.92 -4.92
CA GLU A 26 -17.69 7.31 -5.44
C GLU A 26 -18.39 8.34 -4.56
N SER A 27 -18.21 8.24 -3.22
CA SER A 27 -18.79 9.11 -2.21
C SER A 27 -18.00 10.43 -1.97
N GLY A 28 -17.26 10.88 -2.98
CA GLY A 28 -16.50 12.13 -2.97
C GLY A 28 -15.46 12.34 -1.90
N LEU A 29 -15.26 11.36 -1.01
CA LEU A 29 -14.25 11.37 0.06
C LEU A 29 -12.86 11.43 -0.61
N VAL A 30 -12.63 10.53 -1.60
CA VAL A 30 -11.38 10.36 -2.33
C VAL A 30 -11.50 10.65 -3.81
N ASP A 31 -10.57 11.42 -4.33
CA ASP A 31 -10.43 11.74 -5.76
C ASP A 31 -9.21 10.90 -6.27
N LEU A 32 -9.47 9.72 -6.91
CA LEU A 32 -8.42 8.81 -7.40
C LEU A 32 -8.14 8.91 -8.91
N ASN A 33 -6.87 9.18 -9.28
CA ASN A 33 -6.48 9.25 -10.68
C ASN A 33 -5.28 8.35 -10.97
N VAL A 34 -5.43 7.50 -11.96
CA VAL A 34 -4.40 6.59 -12.41
C VAL A 34 -3.86 7.16 -13.73
N HIS A 35 -2.52 7.31 -13.84
CA HIS A 35 -1.88 7.88 -15.03
C HIS A 35 -0.83 6.95 -15.62
N ASP A 36 -0.83 6.84 -16.97
CA ASP A 36 0.16 6.04 -17.69
C ASP A 36 1.38 6.89 -17.84
N LEU A 37 2.51 6.41 -17.30
CA LEU A 37 3.80 7.13 -17.34
C LEU A 37 4.22 7.48 -18.79
N ARG A 38 3.85 6.65 -19.76
CA ARG A 38 4.16 6.87 -21.18
C ARG A 38 3.53 8.15 -21.73
N ARG A 39 2.50 8.71 -21.08
CA ARG A 39 1.91 9.98 -21.53
C ARG A 39 2.86 11.19 -21.42
N TRP A 40 4.00 11.06 -20.67
CA TRP A 40 4.98 12.13 -20.52
C TRP A 40 6.25 11.92 -21.36
N THR A 41 6.28 10.89 -22.21
CA THR A 41 7.44 10.63 -23.06
C THR A 41 7.31 11.39 -24.38
N HIS A 42 8.45 11.73 -25.02
CA HIS A 42 8.41 12.47 -26.27
C HIS A 42 8.95 11.70 -27.46
N ASP A 43 9.64 10.58 -27.21
CA ASP A 43 10.22 9.74 -28.25
C ASP A 43 9.17 8.90 -28.99
N VAL A 44 9.53 8.39 -30.18
CA VAL A 44 8.63 7.59 -31.04
C VAL A 44 8.31 6.22 -30.41
N HIS A 45 9.24 5.65 -29.63
CA HIS A 45 9.02 4.33 -29.02
C HIS A 45 8.51 4.37 -27.56
N HIS A 46 8.21 5.58 -27.03
CA HIS A 46 7.67 5.82 -25.67
C HIS A 46 8.46 5.08 -24.59
N SER A 47 9.80 5.19 -24.67
CA SER A 47 10.66 4.47 -23.74
C SER A 47 10.68 5.09 -22.37
N VAL A 48 10.68 4.24 -21.35
CA VAL A 48 10.66 4.65 -19.94
C VAL A 48 11.90 4.12 -19.22
N ASP A 49 12.61 3.19 -19.86
CA ASP A 49 13.76 2.49 -19.27
C ASP A 49 15.02 2.60 -20.12
N ASP A 50 16.17 2.52 -19.43
CA ASP A 50 17.48 2.60 -20.05
C ASP A 50 18.46 1.73 -19.24
N ALA A 51 19.61 1.34 -19.86
CA ALA A 51 20.61 0.45 -19.26
C ALA A 51 21.27 1.10 -18.01
N PRO A 52 21.57 0.35 -16.94
CA PRO A 52 22.16 0.99 -15.75
C PRO A 52 23.62 1.41 -15.85
N TYR A 53 23.99 2.56 -15.23
CA TYR A 53 25.40 2.96 -15.15
C TYR A 53 26.07 1.99 -14.17
N GLY A 54 27.28 1.54 -14.52
CA GLY A 54 28.04 0.58 -13.72
C GLY A 54 27.68 -0.87 -14.01
N GLY A 55 26.90 -1.10 -15.06
CA GLY A 55 26.45 -2.43 -15.43
C GLY A 55 25.40 -2.98 -14.47
N GLY A 56 25.06 -4.23 -14.63
CA GLY A 56 24.07 -4.86 -13.77
C GLY A 56 22.96 -5.54 -14.51
N PRO A 57 22.04 -6.20 -13.79
CA PRO A 57 20.94 -6.87 -14.50
C PRO A 57 19.82 -5.88 -14.84
N GLY A 58 19.09 -6.20 -15.89
CA GLY A 58 17.93 -5.45 -16.34
C GLY A 58 18.09 -3.99 -16.72
N MET A 59 17.00 -3.25 -16.57
CA MET A 59 16.91 -1.84 -16.94
C MET A 59 16.51 -0.99 -15.74
N VAL A 60 16.67 0.33 -15.87
N VAL A 60 16.65 0.33 -15.85
CA VAL A 60 16.36 1.34 -14.85
CA VAL A 60 16.31 1.30 -14.81
C VAL A 60 15.44 2.38 -15.47
C VAL A 60 15.48 2.41 -15.43
N MET A 61 14.43 2.85 -14.72
CA MET A 61 13.53 3.88 -15.18
C MET A 61 14.22 5.24 -15.20
N LYS A 62 14.14 5.92 -16.35
CA LYS A 62 14.75 7.22 -16.66
C LYS A 62 14.21 8.32 -15.79
N ALA A 63 15.10 9.17 -15.28
CA ALA A 63 14.77 10.32 -14.47
C ALA A 63 14.01 11.43 -15.25
N PRO A 64 14.37 11.82 -16.51
CA PRO A 64 13.60 12.89 -17.19
C PRO A 64 12.10 12.64 -17.38
N VAL A 65 11.68 11.39 -17.66
CA VAL A 65 10.24 11.09 -17.83
C VAL A 65 9.53 11.19 -16.49
N TRP A 66 10.14 10.62 -15.42
CA TRP A 66 9.54 10.75 -14.07
C TRP A 66 9.50 12.19 -13.63
N GLY A 67 10.56 12.95 -13.97
CA GLY A 67 10.70 14.37 -13.67
C GLY A 67 9.60 15.22 -14.29
N GLU A 68 9.20 14.90 -15.53
CA GLU A 68 8.11 15.61 -16.21
C GLU A 68 6.76 15.30 -15.54
N ALA A 69 6.45 14.00 -15.34
CA ALA A 69 5.21 13.55 -14.72
C ALA A 69 5.00 14.17 -13.35
N LEU A 70 6.02 14.09 -12.47
CA LEU A 70 5.94 14.67 -11.12
C LEU A 70 5.85 16.18 -11.14
N ASP A 71 6.56 16.85 -12.06
CA ASP A 71 6.46 18.32 -12.22
C ASP A 71 5.02 18.75 -12.46
N GLU A 72 4.27 17.93 -13.22
CA GLU A 72 2.90 18.27 -13.51
C GLU A 72 1.94 17.91 -12.34
N ILE A 73 2.08 16.73 -11.76
CA ILE A 73 1.14 16.28 -10.74
C ILE A 73 1.41 16.81 -9.33
N CYS A 74 2.67 17.13 -8.97
CA CYS A 74 2.95 17.46 -7.60
C CYS A 74 3.00 18.92 -7.26
N SER A 75 2.77 19.22 -5.98
CA SER A 75 2.90 20.53 -5.38
C SER A 75 3.79 20.40 -4.14
N SER A 76 3.97 21.52 -3.45
CA SER A 76 4.75 21.61 -2.22
C SER A 76 4.04 20.87 -1.08
N GLU A 77 2.70 20.71 -1.16
N GLU A 77 2.71 20.71 -1.16
CA GLU A 77 1.89 20.03 -0.14
CA GLU A 77 1.90 20.03 -0.15
C GLU A 77 1.81 18.51 -0.34
C GLU A 77 1.78 18.52 -0.34
N THR A 78 2.12 18.03 -1.55
CA THR A 78 2.07 16.60 -1.92
C THR A 78 3.03 15.74 -1.14
N LEU A 79 2.55 14.55 -0.70
CA LEU A 79 3.39 13.53 -0.12
C LEU A 79 3.64 12.52 -1.25
N LEU A 80 4.90 12.48 -1.74
CA LEU A 80 5.29 11.55 -2.80
C LEU A 80 5.75 10.26 -2.16
N ILE A 81 5.06 9.15 -2.48
CA ILE A 81 5.34 7.82 -1.99
C ILE A 81 5.94 7.02 -3.11
N VAL A 82 7.09 6.43 -2.84
CA VAL A 82 7.79 5.61 -3.81
C VAL A 82 7.81 4.19 -3.26
N PRO A 83 6.96 3.27 -3.78
CA PRO A 83 7.02 1.88 -3.31
C PRO A 83 8.34 1.29 -3.82
N THR A 84 9.11 0.70 -2.90
CA THR A 84 10.42 0.13 -3.25
C THR A 84 10.82 -0.96 -2.29
N PRO A 85 11.50 -2.02 -2.75
CA PRO A 85 11.98 -3.05 -1.80
C PRO A 85 13.08 -2.54 -0.84
N ALA A 86 13.65 -1.37 -1.13
CA ALA A 86 14.69 -0.78 -0.29
C ALA A 86 14.15 0.30 0.68
N GLY A 87 12.82 0.42 0.77
CA GLY A 87 12.23 1.43 1.65
C GLY A 87 12.01 0.99 3.10
N VAL A 88 11.43 1.87 3.91
CA VAL A 88 11.10 1.51 5.28
C VAL A 88 9.81 0.66 5.21
N LEU A 89 9.58 -0.23 6.17
CA LEU A 89 8.39 -1.07 6.17
C LEU A 89 7.13 -0.27 6.42
N PHE A 90 6.10 -0.49 5.58
CA PHE A 90 4.77 0.08 5.74
C PHE A 90 4.15 -0.58 6.96
N THR A 91 3.51 0.23 7.85
CA THR A 91 2.87 -0.27 9.07
C THR A 91 1.51 0.36 9.24
N GLN A 92 0.74 -0.16 10.20
CA GLN A 92 -0.56 0.45 10.51
C GLN A 92 -0.44 1.95 10.89
N ALA A 93 0.62 2.33 11.65
CA ALA A 93 0.86 3.73 12.07
C ALA A 93 1.07 4.66 10.87
N THR A 94 1.76 4.16 9.81
CA THR A 94 1.96 4.89 8.55
C THR A 94 0.59 5.08 7.87
N ALA A 95 -0.22 4.03 7.79
CA ALA A 95 -1.55 4.08 7.16
C ALA A 95 -2.41 5.11 7.84
N GLN A 96 -2.31 5.18 9.18
CA GLN A 96 -3.10 6.09 10.00
C GLN A 96 -2.62 7.52 9.75
N ARG A 97 -1.30 7.74 9.76
CA ARG A 97 -0.74 9.05 9.50
C ARG A 97 -1.10 9.56 8.07
N TRP A 98 -1.06 8.71 7.03
CA TRP A 98 -1.40 9.11 5.67
C TRP A 98 -2.87 9.53 5.45
N THR A 99 -3.81 9.24 6.40
CA THR A 99 -5.21 9.68 6.33
C THR A 99 -5.24 11.23 6.55
N THR A 100 -4.18 11.81 7.16
CA THR A 100 -4.09 13.27 7.42
C THR A 100 -3.58 14.04 6.17
N GLU A 101 -3.16 13.33 5.13
CA GLU A 101 -2.62 14.00 3.95
C GLU A 101 -3.68 14.46 2.97
N SER A 102 -3.44 15.60 2.33
CA SER A 102 -4.34 16.17 1.30
C SER A 102 -4.09 15.56 -0.08
N HIS A 103 -2.82 15.36 -0.44
CA HIS A 103 -2.45 14.82 -1.74
C HIS A 103 -1.34 13.76 -1.67
N LEU A 104 -1.66 12.52 -2.03
CA LEU A 104 -0.70 11.40 -2.03
C LEU A 104 -0.35 11.04 -3.48
N VAL A 105 0.93 10.91 -3.80
CA VAL A 105 1.33 10.54 -5.15
C VAL A 105 2.17 9.28 -5.07
N PHE A 106 1.75 8.21 -5.74
CA PHE A 106 2.45 6.93 -5.76
C PHE A 106 3.14 6.76 -7.08
N ALA A 107 4.48 6.72 -7.04
CA ALA A 107 5.32 6.54 -8.24
C ALA A 107 5.72 5.07 -8.31
N CYS A 108 4.95 4.28 -9.07
CA CYS A 108 5.15 2.84 -9.22
C CYS A 108 6.22 2.52 -10.22
N GLY A 109 7.23 1.81 -9.76
CA GLY A 109 8.33 1.39 -10.61
C GLY A 109 8.19 -0.03 -11.14
N ARG A 110 8.83 -0.28 -12.29
CA ARG A 110 8.96 -1.59 -12.94
C ARG A 110 10.46 -1.75 -13.22
N TYR A 111 10.88 -2.84 -13.91
CA TYR A 111 12.29 -3.13 -14.24
C TYR A 111 13.11 -3.28 -12.92
N GLU A 112 14.23 -2.54 -12.76
CA GLU A 112 15.01 -2.61 -11.53
C GLU A 112 14.76 -1.41 -10.60
N GLY A 113 13.81 -0.58 -10.98
CA GLY A 113 13.42 0.59 -10.20
C GLY A 113 13.60 1.87 -10.96
N ILE A 114 13.48 2.98 -10.24
CA ILE A 114 13.57 4.33 -10.75
C ILE A 114 14.95 4.93 -10.45
N ASP A 115 15.54 5.64 -11.42
CA ASP A 115 16.80 6.38 -11.21
C ASP A 115 16.68 7.18 -9.88
N GLN A 116 17.65 6.99 -8.95
CA GLN A 116 17.67 7.61 -7.62
C GLN A 116 17.52 9.14 -7.60
N ARG A 117 18.00 9.83 -8.63
CA ARG A 117 17.93 11.30 -8.68
C ARG A 117 16.50 11.86 -8.77
N VAL A 118 15.51 11.06 -9.18
CA VAL A 118 14.11 11.48 -9.19
C VAL A 118 13.67 11.88 -7.77
N VAL A 119 13.95 11.02 -6.77
CA VAL A 119 13.55 11.26 -5.37
C VAL A 119 14.35 12.38 -4.75
N GLN A 120 15.65 12.47 -5.09
CA GLN A 120 16.50 13.56 -4.59
C GLN A 120 16.03 14.92 -5.15
N ASP A 121 15.66 14.96 -6.44
CA ASP A 121 15.13 16.17 -7.05
C ASP A 121 13.76 16.48 -6.45
N ALA A 122 12.90 15.45 -6.25
CA ALA A 122 11.59 15.67 -5.61
C ALA A 122 11.72 16.19 -4.18
N ALA A 123 12.68 15.66 -3.39
CA ALA A 123 12.90 16.06 -1.98
C ALA A 123 13.29 17.56 -1.77
N ARG A 124 13.70 18.27 -2.85
CA ARG A 124 14.01 19.72 -2.86
C ARG A 124 12.74 20.57 -2.71
N ARG A 125 11.55 20.03 -3.09
CA ARG A 125 10.28 20.78 -3.06
C ARG A 125 9.14 20.10 -2.28
N MET A 126 9.19 18.77 -2.08
CA MET A 126 8.09 18.05 -1.41
C MET A 126 8.60 16.95 -0.47
N ARG A 127 7.74 16.44 0.41
CA ARG A 127 8.08 15.35 1.31
C ARG A 127 8.04 14.08 0.49
N VAL A 128 9.04 13.22 0.67
CA VAL A 128 9.15 11.94 -0.05
C VAL A 128 9.28 10.79 0.99
N GLU A 129 8.63 9.66 0.73
CA GLU A 129 8.71 8.47 1.58
C GLU A 129 8.98 7.29 0.65
N GLU A 130 10.06 6.53 0.94
CA GLU A 130 10.43 5.31 0.21
C GLU A 130 9.92 4.17 1.08
N VAL A 131 8.97 3.35 0.56
CA VAL A 131 8.26 2.36 1.38
C VAL A 131 8.22 0.94 0.78
N SER A 132 8.49 -0.04 1.64
CA SER A 132 8.37 -1.45 1.29
C SER A 132 7.13 -1.99 2.01
N ILE A 133 6.41 -2.93 1.40
CA ILE A 133 5.24 -3.56 2.05
C ILE A 133 5.66 -4.84 2.79
N GLY A 134 6.91 -5.26 2.60
CA GLY A 134 7.40 -6.46 3.28
C GLY A 134 8.63 -7.10 2.69
N ASP A 135 9.21 -8.06 3.42
CA ASP A 135 10.45 -8.76 3.05
C ASP A 135 10.27 -9.88 2.01
N TYR A 136 9.80 -9.51 0.82
CA TYR A 136 9.58 -10.37 -0.35
C TYR A 136 9.75 -9.52 -1.58
N VAL A 137 10.05 -10.14 -2.72
CA VAL A 137 10.32 -9.44 -3.99
C VAL A 137 9.12 -9.52 -4.97
N LEU A 138 8.66 -8.34 -5.42
CA LEU A 138 7.55 -8.19 -6.32
C LEU A 138 8.05 -7.76 -7.71
N PRO A 139 7.28 -8.03 -8.79
CA PRO A 139 7.73 -7.58 -10.11
C PRO A 139 7.64 -6.07 -10.34
N GLY A 140 6.81 -5.39 -9.55
CA GLY A 140 6.65 -3.94 -9.65
C GLY A 140 5.89 -3.39 -8.45
N GLY A 141 5.68 -2.07 -8.42
CA GLY A 141 5.06 -1.45 -7.27
C GLY A 141 3.55 -1.20 -7.29
N GLU A 142 2.84 -1.69 -8.32
CA GLU A 142 1.38 -1.49 -8.49
C GLU A 142 0.58 -2.24 -7.44
N SER A 143 0.90 -3.51 -7.20
CA SER A 143 0.18 -4.34 -6.24
C SER A 143 0.50 -3.88 -4.79
N ALA A 144 1.69 -3.28 -4.59
CA ALA A 144 2.08 -2.74 -3.29
C ALA A 144 1.28 -1.43 -3.08
N ALA A 145 1.11 -0.62 -4.15
CA ALA A 145 0.31 0.62 -4.04
C ALA A 145 -1.16 0.29 -3.74
N VAL A 146 -1.71 -0.78 -4.32
CA VAL A 146 -3.10 -1.22 -4.06
C VAL A 146 -3.25 -1.51 -2.58
N VAL A 147 -2.34 -2.34 -2.04
CA VAL A 147 -2.28 -2.69 -0.61
C VAL A 147 -2.23 -1.40 0.26
N MET A 148 -1.34 -0.48 -0.06
CA MET A 148 -1.20 0.76 0.70
C MET A 148 -2.45 1.65 0.63
N VAL A 149 -3.02 1.82 -0.57
CA VAL A 149 -4.26 2.60 -0.71
C VAL A 149 -5.42 1.91 0.05
N GLU A 150 -5.54 0.59 -0.04
CA GLU A 150 -6.64 -0.11 0.67
C GLU A 150 -6.59 0.11 2.18
N ALA A 151 -5.36 0.02 2.80
CA ALA A 151 -5.15 0.26 4.23
C ALA A 151 -5.54 1.70 4.60
N VAL A 152 -5.21 2.68 3.74
CA VAL A 152 -5.52 4.10 4.01
C VAL A 152 -7.04 4.39 3.84
N LEU A 153 -7.64 3.92 2.72
CA LEU A 153 -9.06 4.13 2.41
C LEU A 153 -10.04 3.55 3.44
N ARG A 154 -9.72 2.37 4.02
CA ARG A 154 -10.58 1.76 5.05
C ARG A 154 -10.58 2.55 6.33
N LEU A 155 -9.53 3.34 6.60
CA LEU A 155 -9.48 4.17 7.80
C LEU A 155 -10.27 5.44 7.59
N LEU A 156 -10.40 5.89 6.33
CA LEU A 156 -11.17 7.07 5.96
C LEU A 156 -12.66 6.79 6.08
N ALA A 157 -13.10 5.65 5.49
CA ALA A 157 -14.47 5.15 5.44
C ALA A 157 -15.15 4.98 6.81
N GLY A 158 -14.37 4.61 7.82
CA GLY A 158 -14.84 4.41 9.19
C GLY A 158 -14.93 5.70 9.98
N LEU A 178 -1.16 -7.11 19.57
CA LEU A 178 -1.51 -8.54 19.58
C LEU A 178 -2.32 -8.97 18.37
N LEU A 179 -2.11 -10.23 17.96
CA LEU A 179 -2.80 -10.81 16.82
C LEU A 179 -4.23 -11.12 17.15
N GLU A 180 -5.13 -10.90 16.18
CA GLU A 180 -6.57 -11.19 16.31
C GLU A 180 -6.74 -12.67 16.62
N GLY A 181 -7.69 -12.98 17.51
CA GLY A 181 -7.93 -14.36 17.92
C GLY A 181 -8.86 -15.07 16.95
N PRO A 182 -9.17 -16.36 17.19
CA PRO A 182 -10.11 -17.06 16.28
C PRO A 182 -11.53 -16.54 16.38
N SER A 183 -12.32 -16.69 15.30
CA SER A 183 -13.73 -16.26 15.24
C SER A 183 -14.58 -17.44 14.81
N TYR A 184 -15.85 -17.44 15.27
CA TYR A 184 -16.79 -18.52 15.03
C TYR A 184 -18.17 -17.96 14.79
N THR A 185 -18.99 -18.72 14.05
CA THR A 185 -20.40 -18.42 13.79
C THR A 185 -21.16 -19.73 13.70
N ARG A 186 -22.50 -19.68 13.52
CA ARG A 186 -23.36 -20.85 13.38
C ARG A 186 -22.87 -21.76 12.25
N PRO A 187 -22.98 -23.09 12.39
CA PRO A 187 -23.58 -23.84 13.51
C PRO A 187 -22.64 -24.04 14.71
N ALA A 188 -23.22 -24.41 15.89
CA ALA A 188 -22.45 -24.67 17.13
C ALA A 188 -21.53 -25.90 17.02
N SER A 189 -21.92 -26.87 16.17
N SER A 189 -21.90 -26.85 16.16
CA SER A 189 -21.19 -28.10 15.89
CA SER A 189 -21.18 -28.09 15.87
C SER A 189 -21.16 -28.28 14.37
C SER A 189 -21.16 -28.28 14.37
N TRP A 190 -19.97 -28.47 13.81
CA TRP A 190 -19.76 -28.62 12.38
C TRP A 190 -18.62 -29.56 12.15
N ARG A 191 -18.92 -30.69 11.48
CA ARG A 191 -17.95 -31.75 11.15
C ARG A 191 -17.22 -32.25 12.40
N GLY A 192 -17.99 -32.41 13.48
CA GLY A 192 -17.45 -32.85 14.76
C GLY A 192 -16.64 -31.79 15.49
N LEU A 193 -16.69 -30.51 15.01
CA LEU A 193 -15.94 -29.42 15.64
C LEU A 193 -16.86 -28.44 16.34
N ASP A 194 -16.71 -28.32 17.65
CA ASP A 194 -17.56 -27.45 18.45
C ASP A 194 -16.99 -26.07 18.70
N VAL A 195 -17.85 -25.06 18.72
CA VAL A 195 -17.52 -23.67 19.07
C VAL A 195 -17.13 -23.69 20.55
N PRO A 196 -16.01 -23.03 20.98
CA PRO A 196 -15.65 -23.03 22.41
C PRO A 196 -16.84 -22.66 23.30
N GLU A 197 -17.10 -23.51 24.30
CA GLU A 197 -18.21 -23.39 25.27
C GLU A 197 -18.35 -21.97 25.84
N VAL A 198 -17.21 -21.29 26.10
CA VAL A 198 -17.17 -19.92 26.61
C VAL A 198 -17.94 -18.91 25.72
N LEU A 199 -17.90 -19.08 24.38
CA LEU A 199 -18.56 -18.14 23.46
C LEU A 199 -20.08 -18.27 23.46
N LEU A 200 -20.59 -19.32 24.11
CA LEU A 200 -22.03 -19.59 24.27
C LEU A 200 -22.48 -19.35 25.73
N SER A 201 -21.65 -18.66 26.55
CA SER A 201 -21.95 -18.47 27.97
C SER A 201 -22.87 -17.30 28.31
N GLY A 202 -22.87 -16.26 27.48
CA GLY A 202 -23.64 -15.05 27.74
C GLY A 202 -22.89 -14.10 28.67
N ASP A 203 -21.77 -14.59 29.28
CA ASP A 203 -20.90 -13.90 30.23
C ASP A 203 -19.85 -13.01 29.51
N HIS A 204 -20.17 -11.73 29.30
CA HIS A 204 -19.29 -10.78 28.63
C HIS A 204 -17.84 -10.80 29.14
N ALA A 205 -17.64 -10.75 30.47
CA ALA A 205 -16.31 -10.73 31.09
C ALA A 205 -15.47 -11.95 30.81
N ARG A 206 -16.00 -13.19 30.98
CA ARG A 206 -15.14 -14.33 30.69
C ARG A 206 -14.95 -14.52 29.17
N ILE A 207 -15.86 -13.96 28.31
CA ILE A 207 -15.67 -14.00 26.86
C ILE A 207 -14.44 -13.16 26.53
N ALA A 208 -14.37 -11.90 27.02
CA ALA A 208 -13.26 -10.99 26.78
C ALA A 208 -11.93 -11.50 27.35
N ALA A 209 -11.99 -12.21 28.49
CA ALA A 209 -10.81 -12.80 29.12
C ALA A 209 -10.30 -13.97 28.28
N TRP A 210 -11.20 -14.82 27.79
CA TRP A 210 -10.80 -15.94 26.94
C TRP A 210 -10.18 -15.46 25.62
N ARG A 211 -10.78 -14.42 24.98
CA ARG A 211 -10.32 -13.87 23.70
C ARG A 211 -8.94 -13.26 23.84
N ARG A 212 -8.70 -12.51 24.93
CA ARG A 212 -7.39 -11.93 25.22
C ARG A 212 -6.36 -13.08 25.41
N GLU A 213 -6.74 -14.11 26.17
CA GLU A 213 -5.88 -15.27 26.43
C GLU A 213 -5.45 -16.00 25.14
N VAL A 214 -6.41 -16.33 24.24
CA VAL A 214 -6.10 -17.02 22.97
C VAL A 214 -5.31 -16.09 22.01
N SER A 215 -5.54 -14.77 22.11
CA SER A 215 -4.84 -13.75 21.34
C SER A 215 -3.38 -13.64 21.77
N LEU A 216 -3.08 -13.68 23.10
CA LEU A 216 -1.70 -13.68 23.64
C LEU A 216 -0.99 -14.97 23.18
N GLN A 217 -1.70 -16.11 23.30
CA GLN A 217 -1.16 -17.41 22.90
C GLN A 217 -0.78 -17.46 21.44
N ARG A 218 -1.66 -17.01 20.54
CA ARG A 218 -1.40 -17.02 19.10
C ARG A 218 -0.22 -16.08 18.73
N THR A 219 -0.12 -14.93 19.43
CA THR A 219 0.95 -13.93 19.26
C THR A 219 2.30 -14.56 19.64
N ARG A 220 2.37 -15.27 20.77
CA ARG A 220 3.58 -15.90 21.23
C ARG A 220 4.07 -16.96 20.24
N GLU A 221 3.15 -17.76 19.69
CA GLU A 221 3.45 -18.81 18.73
C GLU A 221 3.83 -18.32 17.35
N ARG A 222 3.09 -17.34 16.82
CA ARG A 222 3.28 -16.91 15.45
C ARG A 222 4.10 -15.64 15.27
N ARG A 223 4.01 -14.68 16.21
CA ARG A 223 4.73 -13.39 16.10
C ARG A 223 5.33 -12.97 17.46
N PRO A 224 6.26 -13.75 18.05
CA PRO A 224 6.73 -13.43 19.41
C PRO A 224 7.35 -12.03 19.57
N ASP A 225 7.80 -11.41 18.47
CA ASP A 225 8.35 -10.04 18.45
C ASP A 225 7.32 -8.99 18.95
N LEU A 226 6.00 -9.31 18.91
CA LEU A 226 4.90 -8.43 19.36
C LEU A 226 4.47 -8.71 20.81
N SER A 227 5.14 -9.70 21.46
CA SER A 227 4.99 -10.25 22.84
C SER A 227 4.16 -11.52 22.86
CAA 9D0 B . 16.84 -11.50 -15.15
CAJ 9D0 B . 16.27 -10.12 -14.79
CAK 9D0 B . 17.11 -9.48 -13.69
CAL 9D0 B . 16.43 -9.65 -12.32
CAM 9D0 B . 17.26 -8.99 -11.22
CAN 9D0 B . 16.38 -8.83 -9.97
CAO 9D0 B . 17.25 -8.37 -8.79
CAP 9D0 B . 16.43 -7.53 -7.81
NAT 9D0 B . 16.33 -6.13 -8.24
CAQ 9D0 B . 15.73 -5.25 -7.22
CAY 9D0 B . 14.36 -4.99 -7.40
CAE 9D0 B . 13.92 -3.70 -7.79
CAG 9D0 B . 12.55 -3.41 -7.90
CAD 9D0 B . 13.41 -5.96 -7.08
CAF 9D0 B . 12.05 -5.68 -7.21
CAZ 9D0 B . 11.61 -4.41 -7.62
CAR 9D0 B . 10.23 -4.14 -7.70
NAU 9D0 B . 9.60 -4.05 -6.35
CAX 9D0 B . 8.77 -3.06 -5.96
OAB 9D0 B . 8.52 -2.13 -6.74
CBA 9D0 B . 8.26 -3.02 -4.67
CBD 9D0 B . 8.38 -3.91 -3.60
CBB 9D0 B . 8.95 -5.15 -3.45
OAC 9D0 B . 9.56 -5.77 -4.34
NAV 9D0 B . 8.93 -5.81 -2.21
CAH 9D0 B . 8.29 -5.35 -1.17
NAS 9D0 B . 7.68 -4.12 -1.32
CBC 9D0 B . 7.76 -3.43 -2.47
SAW 9D0 B . 7.07 -1.96 -2.72
CAI 9D0 B . 7.58 -1.90 -4.33
#